data_4WHL
#
_entry.id   4WHL
#
_cell.length_a   57.760
_cell.length_b   57.760
_cell.length_c   137.568
_cell.angle_alpha   90.000
_cell.angle_beta   90.000
_cell.angle_gamma   90.000
#
_symmetry.space_group_name_H-M   'P 43 21 2'
#
loop_
_entity.id
_entity.type
_entity.pdbx_description
1 polymer 'Serine/threonine-protein kinase PLK1'
2 polymer 'C6H5(CH2)8-DERIVATIZED PEPTIDE INHIBITOR'
3 water water
#
loop_
_entity_poly.entity_id
_entity_poly.type
_entity_poly.pdbx_seq_one_letter_code
_entity_poly.pdbx_strand_id
1 'polypeptide(L)'
;GAHMDCHLSDMLQQLHSVNASKPSERGLVRQEEAEDPACIPIFWVSKWVDYSDKYGLGYQLCDNSVGVLFNDSTRLILYN
DGDSLQYIERDGTESYLTVSSHPNSLMKKITLLKYFRNYMSEHLLKAGANITPREGDELARLPYLRTWFRTRSAIILHLS
NGSVQINFFQDHTKLILCPLMAAVTYIDEKRDFRTYRLSLLEEYGCCKELASRLRYARTMVDKLLSSRSASNRLKAS
;
A
2 'polypeptide(L)' (KAC)(56A)S(TPO)(NH2) B
#
# COMPACT_ATOMS: atom_id res chain seq x y z
N ASP A 5 4.38 -1.02 15.74
CA ASP A 5 5.23 -1.49 14.61
C ASP A 5 6.74 -1.38 14.89
N CYS A 6 7.42 -2.53 14.96
CA CYS A 6 8.89 -2.56 14.87
C CYS A 6 9.29 -2.01 13.50
N HIS A 7 8.45 -2.29 12.50
CA HIS A 7 8.71 -1.88 11.11
C HIS A 7 8.65 -0.36 10.91
N LEU A 8 7.47 0.22 11.08
CA LEU A 8 7.28 1.68 11.03
C LEU A 8 8.31 2.50 11.80
N SER A 9 8.83 1.95 12.90
CA SER A 9 9.97 2.58 13.60
C SER A 9 11.11 2.69 12.62
N ASP A 10 11.53 1.52 12.11
CA ASP A 10 12.58 1.41 11.09
C ASP A 10 12.32 2.38 9.92
N MET A 11 11.09 2.45 9.44
CA MET A 11 10.79 3.21 8.24
C MET A 11 10.98 4.71 8.41
N LEU A 12 10.48 5.27 9.50
CA LEU A 12 10.76 6.69 9.81
C LEU A 12 12.27 7.03 9.87
N GLN A 13 13.09 6.12 10.40
CA GLN A 13 14.54 6.37 10.46
C GLN A 13 15.09 6.49 9.04
N GLN A 14 15.15 5.34 8.34
CA GLN A 14 15.47 5.21 6.91
C GLN A 14 15.12 6.49 6.13
N LEU A 15 13.85 6.86 6.21
CA LEU A 15 13.28 7.96 5.45
C LEU A 15 13.81 9.28 5.91
N HIS A 16 14.00 9.42 7.21
CA HIS A 16 14.53 10.66 7.71
C HIS A 16 15.99 10.81 7.26
N SER A 17 16.78 9.76 7.51
CA SER A 17 18.13 9.59 6.93
C SER A 17 18.22 10.03 5.47
N VAL A 18 17.35 9.50 4.62
CA VAL A 18 17.41 9.89 3.23
C VAL A 18 17.01 11.36 3.07
N ASN A 19 16.00 11.83 3.80
CA ASN A 19 15.57 13.25 3.62
C ASN A 19 16.58 14.27 4.21
N ALA A 20 17.03 14.03 5.45
CA ALA A 20 18.16 14.81 6.02
C ALA A 20 19.24 15.08 4.98
N SER A 21 19.72 14.01 4.34
CA SER A 21 20.80 14.10 3.36
C SER A 21 20.50 14.91 2.12
N LYS A 22 19.27 15.45 2.01
CA LYS A 22 18.89 16.38 0.93
C LYS A 22 19.43 15.92 -0.42
N PRO A 23 18.84 14.84 -0.95
CA PRO A 23 19.34 14.11 -2.12
C PRO A 23 19.22 14.75 -3.47
N SER A 24 18.39 15.78 -3.60
CA SER A 24 18.25 16.46 -4.88
C SER A 24 19.37 17.47 -5.02
N GLU A 25 19.68 18.14 -3.90
CA GLU A 25 20.72 19.16 -3.83
C GLU A 25 22.10 18.53 -3.85
N ARG A 26 22.50 17.95 -4.98
CA ARG A 26 23.79 17.32 -5.11
C ARG A 26 24.46 17.80 -6.39
N GLY A 27 25.77 17.94 -6.35
CA GLY A 27 26.54 18.32 -7.53
C GLY A 27 26.26 17.43 -8.74
N LEU A 28 26.06 16.13 -8.50
CA LEU A 28 25.70 15.19 -9.59
C LEU A 28 24.86 13.99 -9.12
N VAL A 29 23.54 14.23 -9.10
CA VAL A 29 22.50 13.21 -8.94
C VAL A 29 22.66 12.00 -9.88
N ARG A 30 22.62 10.80 -9.29
CA ARG A 30 22.93 9.53 -9.95
C ARG A 30 21.90 8.48 -9.49
N GLN A 31 20.63 8.88 -9.61
CA GLN A 31 19.45 8.13 -9.11
C GLN A 31 19.36 6.69 -9.60
N GLU A 32 19.58 6.50 -10.88
CA GLU A 32 19.53 5.16 -11.49
C GLU A 32 20.55 4.18 -10.86
N GLU A 33 21.61 4.70 -10.27
CA GLU A 33 22.58 3.87 -9.57
C GLU A 33 22.07 3.40 -8.22
N ALA A 34 20.97 3.98 -7.74
CA ALA A 34 20.29 3.53 -6.52
C ALA A 34 19.20 2.52 -6.82
N GLU A 35 18.89 2.26 -8.09
CA GLU A 35 17.90 1.23 -8.43
C GLU A 35 18.35 -0.13 -7.93
N ASP A 36 17.39 -1.02 -7.71
CA ASP A 36 17.68 -2.33 -7.18
C ASP A 36 16.47 -3.22 -7.36
N PRO A 37 16.26 -3.76 -8.58
CA PRO A 37 15.24 -4.75 -8.90
C PRO A 37 15.11 -5.97 -7.95
N ALA A 38 16.20 -6.40 -7.31
CA ALA A 38 16.11 -7.49 -6.32
C ALA A 38 15.34 -7.11 -5.02
N CYS A 39 14.54 -6.03 -5.05
CA CYS A 39 13.77 -5.56 -3.89
C CYS A 39 12.32 -5.25 -4.23
N ILE A 40 11.85 -5.70 -5.39
CA ILE A 40 10.51 -5.36 -5.86
C ILE A 40 9.46 -5.96 -4.91
N PRO A 41 8.39 -5.20 -4.60
CA PRO A 41 7.44 -5.66 -3.59
C PRO A 41 6.46 -6.67 -4.14
N ILE A 42 5.99 -7.60 -3.31
CA ILE A 42 5.06 -8.60 -3.79
C ILE A 42 3.64 -8.04 -3.82
N PHE A 43 3.30 -7.21 -2.82
CA PHE A 43 1.94 -6.71 -2.69
C PHE A 43 1.91 -5.23 -2.61
N TRP A 44 0.96 -4.67 -3.33
CA TRP A 44 0.54 -3.29 -3.18
C TRP A 44 -0.92 -3.29 -3.52
N VAL A 45 -1.58 -2.15 -3.31
CA VAL A 45 -2.97 -1.96 -3.70
C VAL A 45 -3.11 -1.49 -5.14
N SER A 46 -3.80 -2.27 -5.97
CA SER A 46 -3.96 -1.88 -7.37
C SER A 46 -5.16 -0.99 -7.60
N LYS A 47 -6.19 -1.14 -6.75
CA LYS A 47 -7.43 -0.36 -6.78
C LYS A 47 -8.01 -0.16 -5.39
N TRP A 48 -8.77 0.93 -5.22
CA TRP A 48 -9.48 1.14 -3.97
C TRP A 48 -10.77 1.90 -4.16
N VAL A 49 -11.71 1.68 -3.25
CA VAL A 49 -13.03 2.30 -3.28
C VAL A 49 -13.40 2.77 -1.85
N ASP A 50 -13.66 4.06 -1.73
CA ASP A 50 -13.89 4.68 -0.45
C ASP A 50 -15.41 4.92 -0.30
N TYR A 51 -16.06 3.93 0.32
CA TYR A 51 -17.48 4.01 0.69
C TYR A 51 -17.57 4.16 2.21
N SER A 52 -16.65 4.93 2.76
CA SER A 52 -16.47 4.96 4.21
C SER A 52 -17.54 5.75 4.96
N ASP A 53 -18.43 6.43 4.26
CA ASP A 53 -19.51 7.12 4.97
C ASP A 53 -20.60 6.14 5.38
N LYS A 54 -20.51 4.91 4.88
CA LYS A 54 -21.55 3.92 5.08
C LYS A 54 -21.01 2.53 5.39
N TYR A 55 -20.01 2.08 4.63
CA TYR A 55 -19.58 0.68 4.74
C TYR A 55 -18.12 0.47 5.13
N GLY A 56 -17.24 1.24 4.49
CA GLY A 56 -15.79 1.16 4.72
C GLY A 56 -14.99 1.35 3.43
N LEU A 57 -13.80 0.75 3.41
CA LEU A 57 -12.83 0.98 2.38
C LEU A 57 -12.58 -0.33 1.68
N GLY A 58 -13.02 -0.37 0.42
CA GLY A 58 -12.86 -1.55 -0.40
C GLY A 58 -11.54 -1.39 -1.10
N TYR A 59 -10.95 -2.50 -1.53
CA TYR A 59 -9.67 -2.44 -2.17
C TYR A 59 -9.27 -3.81 -2.79
N GLN A 60 -8.43 -3.76 -3.82
CA GLN A 60 -7.91 -4.93 -4.48
C GLN A 60 -6.39 -4.89 -4.43
N LEU A 61 -5.76 -6.04 -4.12
CA LEU A 61 -4.30 -6.15 -4.16
C LEU A 61 -3.79 -6.66 -5.52
N CYS A 62 -2.52 -6.41 -5.84
CA CYS A 62 -1.97 -6.80 -7.16
C CYS A 62 -2.17 -8.29 -7.56
N ASP A 63 -2.32 -9.19 -6.60
CA ASP A 63 -2.66 -10.58 -6.89
C ASP A 63 -4.16 -10.83 -7.17
N ASN A 64 -4.94 -9.77 -7.36
CA ASN A 64 -6.38 -9.88 -7.67
C ASN A 64 -7.29 -10.30 -6.52
N SER A 65 -6.75 -10.59 -5.33
CA SER A 65 -7.57 -10.70 -4.12
C SER A 65 -8.22 -9.37 -3.75
N VAL A 66 -9.30 -9.45 -3.00
CA VAL A 66 -10.09 -8.28 -2.67
C VAL A 66 -10.22 -8.19 -1.15
N GLY A 67 -10.39 -6.98 -0.62
CA GLY A 67 -10.47 -6.78 0.82
C GLY A 67 -11.41 -5.61 1.14
N VAL A 68 -11.88 -5.58 2.38
CA VAL A 68 -12.59 -4.43 2.93
C VAL A 68 -12.16 -4.18 4.35
N LEU A 69 -11.92 -2.92 4.66
CA LEU A 69 -11.73 -2.51 6.04
C LEU A 69 -13.04 -1.84 6.38
N PHE A 70 -13.93 -2.54 7.08
CA PHE A 70 -15.26 -1.97 7.40
C PHE A 70 -15.10 -0.85 8.46
N ASN A 71 -16.09 0.03 8.54
CA ASN A 71 -16.06 1.16 9.48
C ASN A 71 -15.99 0.73 10.98
N ASP A 72 -16.53 -0.43 11.30
CA ASP A 72 -16.34 -1.08 12.62
C ASP A 72 -14.88 -1.57 12.88
N SER A 73 -13.97 -1.30 11.97
CA SER A 73 -12.55 -1.71 12.09
C SER A 73 -12.28 -3.23 11.98
N THR A 74 -13.21 -3.99 11.39
CA THR A 74 -12.91 -5.37 10.98
C THR A 74 -12.64 -5.47 9.49
N ARG A 75 -12.01 -6.59 9.10
CA ARG A 75 -11.64 -6.80 7.73
C ARG A 75 -12.00 -8.17 7.28
N LEU A 76 -12.49 -8.27 6.05
CA LEU A 76 -12.68 -9.53 5.36
C LEU A 76 -11.83 -9.47 4.08
N ILE A 77 -10.99 -10.48 3.86
CA ILE A 77 -10.33 -10.65 2.60
C ILE A 77 -10.93 -11.84 1.82
N LEU A 78 -11.01 -11.69 0.52
CA LEU A 78 -11.29 -12.76 -0.42
C LEU A 78 -10.03 -13.04 -1.26
N TYR A 79 -9.53 -14.26 -1.21
CA TYR A 79 -8.30 -14.62 -1.92
C TYR A 79 -8.64 -14.74 -3.41
N ASN A 80 -7.62 -14.82 -4.26
CA ASN A 80 -7.88 -14.86 -5.73
C ASN A 80 -8.34 -16.20 -6.29
N ASP A 81 -8.56 -17.18 -5.41
CA ASP A 81 -9.26 -18.42 -5.76
C ASP A 81 -10.80 -18.23 -5.88
N GLY A 82 -11.33 -17.08 -5.48
CA GLY A 82 -12.77 -16.80 -5.62
C GLY A 82 -13.67 -17.35 -4.52
N ASP A 83 -13.08 -18.05 -3.56
CA ASP A 83 -13.84 -18.78 -2.54
C ASP A 83 -13.29 -18.58 -1.10
N SER A 84 -11.98 -18.67 -0.92
CA SER A 84 -11.38 -18.54 0.42
C SER A 84 -11.53 -17.13 1.00
N LEU A 85 -11.90 -17.08 2.28
CA LEU A 85 -12.08 -15.86 3.05
C LEU A 85 -11.25 -15.84 4.31
N GLN A 86 -10.80 -14.65 4.70
CA GLN A 86 -10.18 -14.43 5.97
C GLN A 86 -10.84 -13.26 6.63
N TYR A 87 -11.40 -13.45 7.81
CA TYR A 87 -12.01 -12.35 8.59
C TYR A 87 -11.07 -11.96 9.72
N ILE A 88 -10.96 -10.68 10.04
CA ILE A 88 -9.99 -10.20 11.04
C ILE A 88 -10.65 -9.18 11.94
N GLU A 89 -10.77 -9.54 13.22
CA GLU A 89 -11.62 -8.80 14.18
C GLU A 89 -10.88 -7.52 14.57
N ARG A 90 -11.46 -6.65 15.41
CA ARG A 90 -10.77 -5.38 15.77
C ARG A 90 -9.46 -5.67 16.54
N ASP A 91 -9.50 -6.64 17.45
CA ASP A 91 -8.29 -7.07 18.18
C ASP A 91 -7.21 -7.76 17.31
N GLY A 92 -7.54 -8.24 16.12
CA GLY A 92 -6.54 -8.89 15.24
C GLY A 92 -6.68 -10.41 15.09
N THR A 93 -7.54 -11.03 15.91
CA THR A 93 -7.90 -12.44 15.76
C THR A 93 -8.42 -12.71 14.34
N GLU A 94 -8.10 -13.88 13.79
CA GLU A 94 -8.42 -14.19 12.40
C GLU A 94 -9.02 -15.57 12.16
N SER A 95 -10.28 -15.60 11.76
CA SER A 95 -10.92 -16.81 11.29
C SER A 95 -10.78 -16.96 9.77
N TYR A 96 -10.72 -18.21 9.30
CA TYR A 96 -10.75 -18.49 7.87
C TYR A 96 -11.97 -19.30 7.54
N LEU A 97 -12.49 -19.15 6.33
CA LEU A 97 -13.77 -19.74 5.93
C LEU A 97 -13.87 -19.64 4.41
N THR A 98 -15.00 -20.05 3.82
CA THR A 98 -15.20 -19.88 2.39
C THR A 98 -16.57 -19.26 2.09
N VAL A 99 -16.77 -18.93 0.82
CA VAL A 99 -18.07 -18.50 0.35
C VAL A 99 -19.09 -19.64 0.52
N SER A 100 -18.69 -20.88 0.27
CA SER A 100 -19.61 -22.03 0.27
C SER A 100 -20.16 -22.35 1.66
N SER A 101 -19.29 -22.34 2.66
CA SER A 101 -19.70 -22.52 4.05
C SER A 101 -19.05 -21.50 4.99
N HIS A 102 -19.89 -20.84 5.75
CA HIS A 102 -19.48 -19.71 6.58
C HIS A 102 -20.63 -19.33 7.53
N PRO A 103 -20.29 -18.90 8.75
CA PRO A 103 -21.37 -18.55 9.65
C PRO A 103 -22.37 -17.63 8.97
N ASN A 104 -23.61 -17.62 9.42
CA ASN A 104 -24.55 -16.58 9.01
C ASN A 104 -24.20 -15.25 9.59
N SER A 105 -23.55 -15.23 10.75
CA SER A 105 -23.17 -13.93 11.30
C SER A 105 -22.36 -13.10 10.29
N LEU A 106 -21.82 -13.72 9.24
CA LEU A 106 -21.02 -13.00 8.26
C LEU A 106 -21.69 -12.72 6.93
N MET A 107 -22.97 -13.05 6.84
CA MET A 107 -23.71 -12.91 5.58
C MET A 107 -23.54 -11.54 4.98
N LYS A 108 -23.86 -10.52 5.79
CA LYS A 108 -23.99 -9.15 5.35
C LYS A 108 -22.68 -8.64 4.82
N LYS A 109 -21.59 -8.96 5.53
CA LYS A 109 -20.25 -8.52 5.14
C LYS A 109 -19.71 -9.35 4.02
N ILE A 110 -20.04 -10.62 3.94
CA ILE A 110 -19.58 -11.38 2.77
C ILE A 110 -20.21 -10.80 1.49
N THR A 111 -21.47 -10.39 1.63
CA THR A 111 -22.21 -9.80 0.53
C THR A 111 -21.61 -8.46 0.16
N LEU A 112 -21.34 -7.62 1.16
CA LEU A 112 -20.73 -6.31 0.92
C LEU A 112 -19.43 -6.45 0.12
N LEU A 113 -18.63 -7.44 0.48
CA LEU A 113 -17.44 -7.73 -0.28
C LEU A 113 -17.71 -8.22 -1.69
N LYS A 114 -18.66 -9.13 -1.88
CA LYS A 114 -19.01 -9.52 -3.25
C LYS A 114 -19.26 -8.22 -4.09
N TYR A 115 -20.04 -7.28 -3.57
CA TYR A 115 -20.38 -6.07 -4.32
C TYR A 115 -19.14 -5.28 -4.65
N PHE A 116 -18.28 -5.07 -3.66
CA PHE A 116 -16.96 -4.44 -3.85
C PHE A 116 -16.11 -5.16 -4.90
N ARG A 117 -16.13 -6.50 -4.92
CA ARG A 117 -15.39 -7.26 -5.92
C ARG A 117 -16.00 -7.15 -7.30
N ASN A 118 -17.32 -7.18 -7.38
CA ASN A 118 -17.98 -7.06 -8.67
C ASN A 118 -17.66 -5.75 -9.31
N TYR A 119 -17.64 -4.70 -8.51
CA TYR A 119 -17.33 -3.37 -8.99
C TYR A 119 -15.87 -3.31 -9.43
N MET A 120 -14.96 -3.88 -8.64
CA MET A 120 -13.54 -3.70 -8.93
C MET A 120 -13.08 -4.65 -10.00
N SER A 121 -13.93 -5.63 -10.36
CA SER A 121 -13.65 -6.57 -11.46
C SER A 121 -13.86 -5.92 -12.81
N GLU A 122 -14.67 -4.87 -12.81
CA GLU A 122 -15.23 -4.30 -14.01
C GLU A 122 -14.65 -2.93 -14.23
N HIS A 123 -14.21 -2.26 -13.18
CA HIS A 123 -14.09 -0.83 -13.29
C HIS A 123 -12.69 -0.25 -13.36
N LEU A 124 -12.01 -0.12 -12.26
CA LEU A 124 -10.95 0.92 -12.22
C LEU A 124 -9.63 0.46 -12.89
N LEU A 125 -8.66 1.35 -13.07
CA LEU A 125 -7.33 0.90 -13.57
C LEU A 125 -6.63 0.06 -12.50
N LYS A 126 -5.79 -0.87 -12.96
CA LYS A 126 -5.02 -1.75 -12.08
C LYS A 126 -3.58 -1.31 -11.92
N ALA A 127 -3.31 -0.51 -10.88
CA ALA A 127 -1.96 0.01 -10.56
C ALA A 127 -0.88 -1.07 -10.51
N GLY A 128 0.24 -0.77 -11.15
CA GLY A 128 1.36 -1.73 -11.26
C GLY A 128 1.02 -2.96 -12.06
N ALA A 129 0.04 -2.82 -12.96
CA ALA A 129 -0.42 -3.96 -13.78
C ALA A 129 0.72 -4.61 -14.61
N ASN A 130 1.71 -3.81 -15.00
CA ASN A 130 2.88 -4.26 -15.78
C ASN A 130 4.06 -4.92 -15.01
N ILE A 131 3.85 -5.45 -13.81
CA ILE A 131 4.98 -5.94 -13.00
C ILE A 131 4.89 -7.40 -12.52
N THR A 132 6.05 -8.06 -12.41
CA THR A 132 6.28 -9.18 -11.47
C THR A 132 7.76 -9.23 -11.12
N LEU A 139 8.67 -16.31 0.68
CA LEU A 139 7.22 -16.45 0.42
C LEU A 139 6.38 -15.66 1.45
N ALA A 140 5.50 -14.80 0.93
CA ALA A 140 4.81 -13.83 1.78
C ALA A 140 3.34 -14.19 2.05
N ARG A 141 2.92 -13.87 3.26
CA ARG A 141 1.57 -14.07 3.71
C ARG A 141 0.77 -12.90 3.17
N LEU A 142 -0.39 -13.20 2.60
CA LEU A 142 -1.25 -12.17 2.04
C LEU A 142 -1.57 -11.16 3.15
N PRO A 143 -1.19 -9.88 2.98
CA PRO A 143 -1.44 -8.89 4.01
C PRO A 143 -2.85 -8.33 3.89
N TYR A 144 -3.29 -7.59 4.91
CA TYR A 144 -4.63 -6.99 4.95
C TYR A 144 -4.45 -5.52 5.30
N LEU A 145 -5.46 -4.72 5.05
CA LEU A 145 -5.32 -3.29 5.30
C LEU A 145 -5.48 -2.97 6.82
N ARG A 146 -4.38 -2.50 7.43
CA ARG A 146 -4.38 -2.07 8.85
C ARG A 146 -5.10 -0.72 9.01
N THR A 147 -4.63 0.34 8.35
CA THR A 147 -5.38 1.61 8.25
C THR A 147 -5.17 2.32 6.96
N TRP A 148 -6.01 3.33 6.76
CA TRP A 148 -5.83 4.30 5.72
C TRP A 148 -6.28 5.65 6.23
N PHE A 149 -6.06 6.68 5.41
CA PHE A 149 -6.69 7.98 5.57
C PHE A 149 -6.41 8.78 4.32
N ARG A 150 -7.20 9.84 4.11
CA ARG A 150 -7.03 10.76 2.98
C ARG A 150 -6.49 12.10 3.41
N THR A 151 -5.85 12.78 2.47
CA THR A 151 -5.55 14.19 2.62
C THR A 151 -6.00 14.92 1.37
N ARG A 152 -5.92 16.24 1.38
CA ARG A 152 -6.16 17.00 0.17
C ARG A 152 -5.35 16.42 -0.98
N SER A 153 -4.12 15.95 -0.73
CA SER A 153 -3.17 15.67 -1.82
C SER A 153 -3.02 14.19 -2.23
N ALA A 154 -3.47 13.26 -1.39
CA ALA A 154 -3.10 11.84 -1.50
C ALA A 154 -3.88 10.86 -0.56
N ILE A 155 -3.84 9.55 -0.87
CA ILE A 155 -4.32 8.48 0.06
C ILE A 155 -3.16 7.63 0.56
N ILE A 156 -3.24 7.22 1.83
CA ILE A 156 -2.16 6.52 2.55
C ILE A 156 -2.72 5.20 3.04
N LEU A 157 -2.01 4.12 2.78
CA LEU A 157 -2.57 2.77 2.92
C LEU A 157 -1.56 1.97 3.68
N HIS A 158 -1.95 1.46 4.84
CA HIS A 158 -0.98 0.78 5.66
C HIS A 158 -1.41 -0.65 5.87
N LEU A 159 -0.64 -1.55 5.30
CA LEU A 159 -0.97 -2.94 5.32
C LEU A 159 -0.24 -3.67 6.46
N SER A 160 -0.83 -4.77 6.91
CA SER A 160 -0.26 -5.62 7.97
C SER A 160 1.13 -6.17 7.70
N ASN A 161 1.59 -6.22 6.48
CA ASN A 161 2.96 -6.74 6.30
C ASN A 161 4.01 -5.66 6.61
N GLY A 162 3.55 -4.47 7.03
CA GLY A 162 4.44 -3.36 7.43
C GLY A 162 4.70 -2.30 6.37
N SER A 163 3.83 -2.23 5.39
CA SER A 163 4.13 -1.57 4.15
C SER A 163 3.16 -0.43 4.04
N VAL A 164 3.69 0.71 3.62
CA VAL A 164 2.91 1.88 3.48
C VAL A 164 2.97 2.27 2.02
N GLN A 165 1.80 2.56 1.46
CA GLN A 165 1.63 2.93 0.07
C GLN A 165 0.98 4.29 0.05
N ILE A 166 1.51 5.20 -0.76
CA ILE A 166 0.96 6.54 -0.88
C ILE A 166 0.70 6.84 -2.34
N ASN A 167 -0.57 6.98 -2.70
CA ASN A 167 -0.96 7.38 -4.04
C ASN A 167 -1.31 8.89 -4.05
N PHE A 168 -0.68 9.63 -4.96
CA PHE A 168 -0.93 11.07 -5.15
C PHE A 168 -1.99 11.37 -6.22
N PHE A 169 -2.92 12.24 -5.88
CA PHE A 169 -4.14 12.47 -6.69
C PHE A 169 -3.85 13.28 -7.94
N GLN A 170 -3.23 14.45 -7.74
CA GLN A 170 -2.91 15.40 -8.82
C GLN A 170 -2.35 14.67 -10.02
N ASP A 171 -1.20 14.04 -9.84
CA ASP A 171 -0.37 13.54 -10.95
C ASP A 171 -0.30 12.01 -11.07
N HIS A 172 -0.98 11.27 -10.17
CA HIS A 172 -1.09 9.77 -10.20
C HIS A 172 0.19 8.98 -9.90
N THR A 173 1.11 9.65 -9.21
CA THR A 173 2.36 9.03 -8.77
C THR A 173 2.12 8.29 -7.46
N LYS A 174 3.03 7.37 -7.16
CA LYS A 174 2.86 6.45 -6.03
C LYS A 174 4.15 5.89 -5.46
N LEU A 175 4.16 5.69 -4.16
CA LEU A 175 5.25 5.09 -3.45
C LEU A 175 4.74 3.89 -2.72
N ILE A 176 5.47 2.79 -2.79
CA ILE A 176 5.26 1.69 -1.89
C ILE A 176 6.52 1.56 -1.06
N LEU A 177 6.40 1.71 0.25
CA LEU A 177 7.57 1.61 1.15
C LEU A 177 7.61 0.26 1.82
N CYS A 178 8.70 -0.46 1.67
CA CYS A 178 8.90 -1.74 2.35
C CYS A 178 10.05 -1.56 3.32
N PRO A 179 9.76 -1.53 4.62
CA PRO A 179 10.79 -1.35 5.64
C PRO A 179 11.59 -2.62 5.91
N LEU A 180 11.01 -3.76 5.57
CA LEU A 180 11.69 -5.05 5.59
C LEU A 180 13.05 -4.98 4.85
N MET A 181 13.06 -4.26 3.73
CA MET A 181 14.22 -4.23 2.81
C MET A 181 14.92 -2.86 2.83
N ALA A 182 14.31 -1.89 3.50
CA ALA A 182 14.71 -0.48 3.46
C ALA A 182 14.63 0.04 2.04
N ALA A 183 13.47 -0.16 1.42
CA ALA A 183 13.29 0.05 0.00
C ALA A 183 11.97 0.73 -0.26
N VAL A 184 11.91 1.40 -1.41
CA VAL A 184 10.75 2.13 -1.85
C VAL A 184 10.63 1.96 -3.35
N THR A 185 9.39 1.85 -3.81
CA THR A 185 9.11 1.76 -5.23
C THR A 185 8.44 3.04 -5.65
N TYR A 186 8.96 3.69 -6.68
CA TYR A 186 8.27 4.88 -7.22
C TYR A 186 7.55 4.51 -8.51
N ILE A 187 6.27 4.87 -8.59
CA ILE A 187 5.52 4.81 -9.85
C ILE A 187 5.28 6.25 -10.29
N ASP A 188 5.85 6.64 -11.44
CA ASP A 188 5.85 8.05 -11.86
C ASP A 188 4.60 8.45 -12.67
N GLU A 189 4.58 9.64 -13.28
CA GLU A 189 3.44 10.04 -14.12
C GLU A 189 3.32 9.24 -15.42
N LYS A 190 4.44 8.74 -15.92
CA LYS A 190 4.43 7.88 -17.10
C LYS A 190 4.05 6.44 -16.72
N ARG A 191 3.74 6.21 -15.44
CA ARG A 191 3.48 4.87 -14.91
C ARG A 191 4.69 3.95 -15.17
N ASP A 192 5.90 4.54 -15.14
CA ASP A 192 7.13 3.76 -14.97
C ASP A 192 7.32 3.41 -13.52
N PHE A 193 8.03 2.33 -13.29
CA PHE A 193 7.99 1.62 -12.06
C PHE A 193 9.42 1.27 -11.71
N ARG A 194 10.03 1.99 -10.77
CA ARG A 194 11.43 1.74 -10.45
C ARG A 194 11.56 1.56 -8.93
N THR A 195 12.22 0.47 -8.51
CA THR A 195 12.49 0.21 -7.10
C THR A 195 13.90 0.70 -6.72
N TYR A 196 14.04 1.23 -5.49
CA TYR A 196 15.29 1.78 -4.98
C TYR A 196 15.55 1.40 -3.53
N ARG A 197 16.81 1.13 -3.20
CA ARG A 197 17.19 1.05 -1.79
C ARG A 197 17.39 2.48 -1.29
N LEU A 198 16.79 2.77 -0.15
CA LEU A 198 16.86 4.10 0.44
C LEU A 198 18.28 4.49 0.82
N SER A 199 19.05 3.54 1.32
CA SER A 199 20.44 3.78 1.61
C SER A 199 21.24 4.16 0.36
N LEU A 200 20.92 3.59 -0.80
CA LEU A 200 21.55 4.05 -2.06
C LEU A 200 21.01 5.39 -2.55
N LEU A 201 19.77 5.73 -2.23
CA LEU A 201 19.23 7.04 -2.55
C LEU A 201 19.90 8.10 -1.74
N GLU A 202 20.01 7.87 -0.44
CA GLU A 202 20.80 8.75 0.41
C GLU A 202 22.15 8.94 -0.26
N GLU A 203 22.75 7.85 -0.71
CA GLU A 203 24.09 7.92 -1.33
C GLU A 203 24.09 8.66 -2.62
N TYR A 204 23.37 8.15 -3.60
CA TYR A 204 23.56 8.58 -4.99
C TYR A 204 22.68 9.74 -5.45
N GLY A 205 21.75 10.21 -4.61
CA GLY A 205 20.82 11.29 -4.96
C GLY A 205 19.59 10.83 -5.73
N CYS A 206 18.61 11.74 -5.85
CA CYS A 206 17.44 11.56 -6.71
C CYS A 206 16.76 12.91 -7.16
N CYS A 207 15.82 12.80 -8.11
CA CYS A 207 15.19 13.95 -8.76
C CYS A 207 14.35 14.70 -7.74
N LYS A 208 14.06 15.97 -8.04
CA LYS A 208 13.35 16.85 -7.09
C LYS A 208 11.93 16.38 -6.88
N GLU A 209 11.37 15.74 -7.93
CA GLU A 209 10.08 15.05 -7.81
C GLU A 209 10.13 14.11 -6.60
N LEU A 210 10.81 12.98 -6.77
CA LEU A 210 10.92 11.94 -5.72
C LEU A 210 11.35 12.41 -4.32
N ALA A 211 12.19 13.45 -4.24
CA ALA A 211 12.63 13.95 -2.95
C ALA A 211 11.46 14.59 -2.21
N SER A 212 10.61 15.30 -2.95
CA SER A 212 9.35 15.87 -2.37
C SER A 212 8.36 14.79 -1.97
N ARG A 213 8.11 13.83 -2.87
CA ARG A 213 7.29 12.66 -2.51
C ARG A 213 7.83 12.06 -1.19
N LEU A 214 9.16 11.85 -1.12
CA LEU A 214 9.75 11.20 0.08
C LEU A 214 9.67 12.04 1.35
N ARG A 215 9.57 13.37 1.20
CA ARG A 215 9.40 14.29 2.36
C ARG A 215 7.98 14.20 2.92
N TYR A 216 7.03 14.33 2.01
CA TYR A 216 5.65 13.99 2.27
C TYR A 216 5.48 12.64 2.98
N ALA A 217 6.17 11.63 2.46
CA ALA A 217 6.02 10.28 2.98
C ALA A 217 6.48 10.17 4.43
N ARG A 218 7.50 10.94 4.79
CA ARG A 218 7.98 10.95 6.17
C ARG A 218 6.86 11.47 7.04
N THR A 219 6.29 12.61 6.64
CA THR A 219 5.29 13.26 7.45
C THR A 219 4.10 12.30 7.53
N MET A 220 3.74 11.68 6.38
CA MET A 220 2.65 10.68 6.38
C MET A 220 2.91 9.50 7.28
N VAL A 221 4.14 9.04 7.33
CA VAL A 221 4.45 7.93 8.23
C VAL A 221 4.42 8.40 9.69
N ASP A 222 4.65 9.70 9.93
CA ASP A 222 4.47 10.28 11.27
C ASP A 222 3.01 10.20 11.69
N LYS A 223 2.10 10.73 10.86
CA LYS A 223 0.67 10.66 11.21
C LYS A 223 0.35 9.19 11.59
N LEU A 224 0.75 8.24 10.76
CA LEU A 224 0.42 6.84 11.03
C LEU A 224 0.81 6.39 12.44
N LEU A 225 1.97 6.83 12.94
CA LEU A 225 2.42 6.47 14.30
C LEU A 225 1.64 7.19 15.40
N SER A 226 1.56 8.52 15.32
CA SER A 226 0.60 9.32 16.09
C SER A 226 0.98 9.34 17.58
N SER B 3 -10.03 4.90 -6.62
CA SER B 3 -8.73 4.99 -7.31
C SER B 3 -8.99 5.36 -8.76
#